data_6MAX
#
_entry.id   6MAX
#
_cell.length_a   60.427
_cell.length_b   32.730
_cell.length_c   64.160
_cell.angle_alpha   90.00
_cell.angle_beta   113.23
_cell.angle_gamma   90.00
#
_symmetry.space_group_name_H-M   'I 1 2 1'
#
loop_
_entity.id
_entity.type
_entity.pdbx_description
1 polymer 'Ribonuclease P protein component'
2 non-polymer 'SULFATE ION'
3 non-polymer Purpurin
4 water water
#
_entity_poly.entity_id   1
_entity_poly.type   'polypeptide(L)'
_entity_poly.pdbx_seq_one_letter_code
;AHHHERLRLRRDFLLIFKEGKSLQNEYFVVLFRKNGLDYSRLGIVVKRKFGKATRRNKLKRWVREIFRRNKGVIPKGFDI
VVIPRKKLSEEFERVDFWTVREKLLNLLKRIEG
;
_entity_poly.pdbx_strand_id   A
#
loop_
_chem_comp.id
_chem_comp.type
_chem_comp.name
_chem_comp.formula
9TF non-polymer Purpurin 'C14 H8 O5'
SO4 non-polymer 'SULFATE ION' 'O4 S -2'
#
# COMPACT_ATOMS: atom_id res chain seq x y z
N ALA A 1 2.57 17.07 -18.69
CA ALA A 1 3.02 16.73 -17.36
C ALA A 1 3.59 15.31 -17.31
N HIS A 2 4.43 15.04 -16.33
CA HIS A 2 5.05 13.72 -16.18
C HIS A 2 4.14 12.78 -15.38
N HIS A 3 4.63 11.56 -15.16
CA HIS A 3 3.86 10.57 -14.42
C HIS A 3 4.45 10.35 -13.02
N HIS A 4 3.62 10.55 -12.00
CA HIS A 4 4.05 10.39 -10.62
C HIS A 4 3.18 9.37 -9.90
N GLU A 5 3.75 8.71 -8.89
CA GLU A 5 3.03 7.73 -8.12
C GLU A 5 3.44 7.72 -6.64
N ARG A 6 4.37 8.60 -6.21
CA ARG A 6 4.88 8.58 -4.82
C ARG A 6 4.13 9.61 -3.96
N LEU A 7 3.83 9.24 -2.79
CA LEU A 7 3.05 10.02 -1.83
C LEU A 7 4.01 10.83 -0.93
N ARG A 8 3.70 12.00 -0.50
CA ARG A 8 4.44 12.80 0.48
C ARG A 8 4.13 12.26 1.89
N LEU A 9 4.82 11.16 2.25
CA LEU A 9 4.43 10.33 3.38
C LEU A 9 4.70 11.04 4.70
N ARG A 10 5.88 11.66 4.84
CA ARG A 10 6.21 12.39 6.06
C ARG A 10 5.18 13.51 6.26
N ARG A 11 4.84 14.21 5.17
CA ARG A 11 3.95 15.37 5.20
C ARG A 11 2.52 14.92 5.56
N ASP A 12 2.05 13.79 5.01
CA ASP A 12 0.61 13.51 4.93
C ASP A 12 0.16 12.25 5.69
N PHE A 13 1.06 11.49 6.30
CA PHE A 13 0.65 10.23 6.94
C PHE A 13 -0.41 10.48 8.03
N LEU A 14 -0.14 11.45 8.90
CA LEU A 14 -1.07 11.78 9.99
C LEU A 14 -2.44 12.20 9.42
N LEU A 15 -2.43 13.08 8.41
CA LEU A 15 -3.65 13.53 7.73
C LEU A 15 -4.46 12.35 7.22
N ILE A 16 -3.81 11.43 6.49
CA ILE A 16 -4.53 10.33 5.87
C ILE A 16 -5.06 9.38 6.96
N PHE A 17 -4.23 9.12 7.97
CA PHE A 17 -4.62 8.28 9.09
C PHE A 17 -5.89 8.84 9.79
N LYS A 18 -5.91 10.16 10.02
CA LYS A 18 -7.01 10.81 10.77
C LYS A 18 -8.25 10.99 9.90
N GLU A 19 -8.07 11.49 8.67
CA GLU A 19 -9.19 12.00 7.86
C GLU A 19 -9.57 11.03 6.74
N GLY A 20 -8.74 10.04 6.48
CA GLY A 20 -8.99 9.08 5.42
C GLY A 20 -9.95 7.99 5.88
N LYS A 21 -10.17 7.03 4.97
CA LYS A 21 -10.92 5.81 5.22
C LYS A 21 -9.90 4.66 5.23
N SER A 22 -10.35 3.49 5.69
CA SER A 22 -9.50 2.33 5.84
CA SER A 22 -9.48 2.34 5.76
C SER A 22 -10.25 1.08 5.36
N LEU A 23 -9.48 0.13 4.81
CA LEU A 23 -9.91 -1.23 4.52
C LEU A 23 -8.80 -2.14 5.03
N GLN A 24 -9.15 -3.38 5.39
CA GLN A 24 -8.11 -4.30 5.81
C GLN A 24 -8.53 -5.72 5.49
N ASN A 25 -7.51 -6.57 5.32
CA ASN A 25 -7.64 -7.99 5.32
C ASN A 25 -6.54 -8.57 6.21
N GLU A 26 -6.33 -9.89 6.15
CA GLU A 26 -5.40 -10.54 7.07
C GLU A 26 -3.96 -10.06 6.83
N TYR A 27 -3.65 -9.53 5.64
CA TYR A 27 -2.27 -9.19 5.30
C TYR A 27 -1.98 -7.69 5.33
N PHE A 28 -2.98 -6.85 5.05
CA PHE A 28 -2.75 -5.43 4.85
C PHE A 28 -3.84 -4.58 5.47
N VAL A 29 -3.42 -3.39 5.92
CA VAL A 29 -4.32 -2.26 6.10
C VAL A 29 -4.00 -1.27 5.00
N VAL A 30 -5.05 -0.74 4.37
CA VAL A 30 -4.92 0.30 3.38
C VAL A 30 -5.70 1.52 3.87
N LEU A 31 -5.00 2.65 3.96
CA LEU A 31 -5.58 3.94 4.31
C LEU A 31 -5.68 4.75 3.01
N PHE A 32 -6.76 5.51 2.84
CA PHE A 32 -6.88 6.25 1.59
C PHE A 32 -7.72 7.52 1.80
N ARG A 33 -7.35 8.54 1.03
CA ARG A 33 -7.99 9.83 1.09
C ARG A 33 -7.93 10.47 -0.31
N LYS A 34 -9.00 11.13 -0.72
CA LYS A 34 -9.02 11.84 -1.99
C LYS A 34 -7.86 12.84 -2.01
N ASN A 35 -7.22 12.97 -3.18
CA ASN A 35 -6.00 13.76 -3.28
C ASN A 35 -6.13 14.93 -4.26
N GLY A 36 -7.29 15.05 -4.92
CA GLY A 36 -7.54 16.17 -5.85
C GLY A 36 -6.78 16.08 -7.16
N LEU A 37 -6.19 14.91 -7.46
CA LEU A 37 -5.41 14.67 -8.68
C LEU A 37 -6.13 13.66 -9.57
N ASP A 38 -5.61 13.49 -10.81
CA ASP A 38 -6.19 12.58 -11.80
C ASP A 38 -5.47 11.22 -11.76
N TYR A 39 -4.71 10.97 -10.70
CA TYR A 39 -4.04 9.73 -10.49
C TYR A 39 -3.92 9.49 -8.99
N SER A 40 -3.64 8.23 -8.64
CA SER A 40 -3.44 7.86 -7.27
C SER A 40 -1.94 7.80 -6.95
N ARG A 41 -1.62 7.98 -5.68
CA ARG A 41 -0.26 7.95 -5.18
C ARG A 41 -0.17 6.97 -4.01
N LEU A 42 1.01 6.37 -3.86
CA LEU A 42 1.23 5.31 -2.89
C LEU A 42 2.35 5.69 -1.91
N GLY A 43 2.09 5.40 -0.64
CA GLY A 43 3.11 5.34 0.37
C GLY A 43 3.02 3.99 1.07
N ILE A 44 4.16 3.50 1.54
CA ILE A 44 4.22 2.21 2.21
C ILE A 44 4.85 2.46 3.58
N VAL A 45 4.17 1.97 4.62
CA VAL A 45 4.67 2.12 5.97
C VAL A 45 4.86 0.73 6.55
N VAL A 46 6.14 0.34 6.71
CA VAL A 46 6.49 -0.98 7.21
C VAL A 46 7.07 -0.79 8.60
N LYS A 47 6.36 -1.33 9.61
CA LYS A 47 6.83 -1.28 10.98
C LYS A 47 8.14 -2.07 11.11
N ARG A 48 9.05 -1.57 11.94
CA ARG A 48 10.36 -2.20 12.16
C ARG A 48 10.19 -3.70 12.48
N LYS A 49 9.13 -4.05 13.22
CA LYS A 49 8.87 -5.43 13.69
C LYS A 49 8.52 -6.40 12.54
N PHE A 50 8.19 -5.87 11.36
CA PHE A 50 7.85 -6.71 10.21
C PHE A 50 9.01 -7.64 9.85
N GLY A 51 10.24 -7.15 10.00
CA GLY A 51 11.44 -7.90 9.71
C GLY A 51 12.63 -6.98 9.63
N LYS A 52 13.80 -7.54 9.33
CA LYS A 52 15.00 -6.75 9.16
C LYS A 52 14.95 -6.07 7.78
N ALA A 53 15.97 -5.26 7.50
CA ALA A 53 15.94 -4.35 6.35
C ALA A 53 15.64 -5.10 5.04
N THR A 54 16.29 -6.24 4.81
CA THR A 54 16.15 -6.92 3.53
C THR A 54 14.68 -7.33 3.31
N ARG A 55 14.03 -7.83 4.36
CA ARG A 55 12.65 -8.26 4.23
C ARG A 55 11.74 -7.05 4.02
N ARG A 56 11.96 -5.98 4.80
CA ARG A 56 11.15 -4.79 4.66
C ARG A 56 11.26 -4.25 3.23
N ASN A 57 12.48 -4.19 2.72
CA ASN A 57 12.77 -3.64 1.38
C ASN A 57 12.12 -4.52 0.31
N LYS A 58 12.14 -5.84 0.51
CA LYS A 58 11.50 -6.76 -0.42
C LYS A 58 9.99 -6.48 -0.47
N LEU A 59 9.34 -6.34 0.68
CA LEU A 59 7.90 -6.06 0.74
C LEU A 59 7.63 -4.75 -0.01
N LYS A 60 8.46 -3.73 0.24
CA LYS A 60 8.26 -2.44 -0.39
C LYS A 60 8.37 -2.57 -1.91
N ARG A 61 9.38 -3.31 -2.40
CA ARG A 61 9.55 -3.51 -3.84
C ARG A 61 8.29 -4.17 -4.44
N TRP A 62 7.82 -5.23 -3.77
CA TRP A 62 6.64 -5.95 -4.20
C TRP A 62 5.44 -5.01 -4.30
N VAL A 63 5.19 -4.25 -3.22
CA VAL A 63 4.01 -3.39 -3.19
C VAL A 63 4.11 -2.31 -4.28
N ARG A 64 5.29 -1.72 -4.45
CA ARG A 64 5.50 -0.72 -5.49
C ARG A 64 5.19 -1.33 -6.87
N GLU A 65 5.64 -2.57 -7.12
CA GLU A 65 5.41 -3.22 -8.41
C GLU A 65 3.90 -3.44 -8.64
N ILE A 66 3.21 -3.91 -7.59
CA ILE A 66 1.78 -4.17 -7.68
C ILE A 66 1.03 -2.88 -8.00
N PHE A 67 1.39 -1.79 -7.32
CA PHE A 67 0.75 -0.49 -7.55
C PHE A 67 1.02 0.01 -8.98
N ARG A 68 2.28 -0.15 -9.43
CA ARG A 68 2.72 0.41 -10.69
C ARG A 68 2.03 -0.31 -11.87
N ARG A 69 1.85 -1.62 -11.75
CA ARG A 69 1.52 -2.44 -12.91
C ARG A 69 0.01 -2.72 -13.00
N ASN A 70 -0.77 -2.19 -12.06
CA ASN A 70 -2.20 -2.51 -11.98
C ASN A 70 -3.06 -1.24 -11.83
N LYS A 71 -2.60 -0.13 -12.39
CA LYS A 71 -3.33 1.14 -12.23
C LYS A 71 -4.70 1.12 -12.94
N GLY A 72 -4.90 0.20 -13.89
CA GLY A 72 -6.18 0.10 -14.57
C GLY A 72 -7.32 -0.33 -13.65
N VAL A 73 -7.00 -1.02 -12.55
CA VAL A 73 -8.06 -1.54 -11.64
C VAL A 73 -8.03 -0.79 -10.30
N ILE A 74 -7.08 0.12 -10.12
CA ILE A 74 -6.95 0.88 -8.88
C ILE A 74 -7.64 2.22 -9.10
N PRO A 75 -8.66 2.58 -8.29
CA PRO A 75 -9.34 3.86 -8.47
C PRO A 75 -8.36 5.04 -8.47
N LYS A 76 -8.65 6.01 -9.33
CA LYS A 76 -7.82 7.19 -9.52
C LYS A 76 -8.28 8.28 -8.54
N GLY A 77 -7.32 9.09 -8.11
CA GLY A 77 -7.58 10.30 -7.33
C GLY A 77 -7.49 10.07 -5.83
N PHE A 78 -6.70 9.07 -5.40
CA PHE A 78 -6.55 8.77 -3.97
C PHE A 78 -5.06 8.74 -3.60
N ASP A 79 -4.74 9.27 -2.42
CA ASP A 79 -3.48 8.99 -1.74
C ASP A 79 -3.72 7.77 -0.87
N ILE A 80 -2.87 6.75 -1.06
CA ILE A 80 -3.05 5.43 -0.52
C ILE A 80 -1.81 5.06 0.29
N VAL A 81 -2.04 4.65 1.54
CA VAL A 81 -0.98 4.17 2.39
C VAL A 81 -1.22 2.68 2.67
N VAL A 82 -0.21 1.86 2.37
CA VAL A 82 -0.25 0.43 2.56
C VAL A 82 0.62 0.05 3.77
N ILE A 83 0.01 -0.71 4.69
CA ILE A 83 0.64 -1.12 5.91
C ILE A 83 0.51 -2.63 6.02
N PRO A 84 1.62 -3.40 5.95
CA PRO A 84 1.55 -4.84 6.16
C PRO A 84 1.29 -5.16 7.65
N ARG A 85 0.57 -6.25 7.87
CA ARG A 85 0.17 -6.70 9.19
C ARG A 85 1.08 -7.83 9.69
N LYS A 86 0.94 -8.12 11.00
CA LYS A 86 1.76 -9.12 11.67
C LYS A 86 1.60 -10.49 10.99
N LYS A 87 0.38 -10.82 10.55
CA LYS A 87 0.14 -12.14 9.97
C LYS A 87 0.93 -12.28 8.66
N LEU A 88 1.03 -11.20 7.89
CA LEU A 88 1.87 -11.24 6.68
C LEU A 88 3.33 -11.45 7.10
N SER A 89 3.77 -10.77 8.16
CA SER A 89 5.14 -10.96 8.66
C SER A 89 5.39 -12.44 8.97
N GLU A 90 4.42 -13.05 9.66
CA GLU A 90 4.52 -14.44 10.14
C GLU A 90 4.58 -15.43 8.97
N GLU A 91 3.91 -15.10 7.86
CA GLU A 91 3.74 -16.04 6.73
C GLU A 91 4.60 -15.63 5.54
N PHE A 92 5.41 -14.58 5.69
CA PHE A 92 6.05 -13.93 4.55
C PHE A 92 6.95 -14.91 3.79
N GLU A 93 7.71 -15.74 4.52
CA GLU A 93 8.68 -16.61 3.89
C GLU A 93 7.98 -17.84 3.28
N ARG A 94 6.66 -17.99 3.50
CA ARG A 94 5.90 -19.13 2.97
C ARG A 94 4.97 -18.70 1.82
N VAL A 95 4.94 -17.40 1.48
CA VAL A 95 4.08 -16.95 0.39
C VAL A 95 4.95 -16.31 -0.69
N ASP A 96 4.37 -16.19 -1.88
CA ASP A 96 5.07 -15.63 -3.01
C ASP A 96 4.47 -14.27 -3.36
N PHE A 97 5.15 -13.59 -4.28
CA PHE A 97 4.75 -12.30 -4.78
C PHE A 97 3.27 -12.32 -5.21
N TRP A 98 2.87 -13.37 -5.93
CA TRP A 98 1.58 -13.41 -6.58
C TRP A 98 0.46 -13.51 -5.52
N THR A 99 0.74 -14.22 -4.43
CA THR A 99 -0.20 -14.34 -3.33
C THR A 99 -0.39 -12.97 -2.66
N VAL A 100 0.72 -12.26 -2.41
CA VAL A 100 0.67 -10.93 -1.82
C VAL A 100 -0.09 -9.96 -2.75
N ARG A 101 0.18 -10.05 -4.06
CA ARG A 101 -0.45 -9.21 -5.06
C ARG A 101 -1.98 -9.39 -5.00
N GLU A 102 -2.44 -10.64 -4.97
CA GLU A 102 -3.88 -10.94 -4.93
C GLU A 102 -4.51 -10.21 -3.73
N LYS A 103 -3.87 -10.33 -2.57
CA LYS A 103 -4.44 -9.84 -1.33
C LYS A 103 -4.45 -8.30 -1.32
N LEU A 104 -3.41 -7.68 -1.86
CA LEU A 104 -3.35 -6.22 -1.88
C LEU A 104 -4.35 -5.67 -2.90
N LEU A 105 -4.38 -6.24 -4.11
CA LEU A 105 -5.30 -5.74 -5.13
C LEU A 105 -6.76 -5.93 -4.71
N ASN A 106 -7.06 -6.99 -3.96
CA ASN A 106 -8.40 -7.20 -3.49
C ASN A 106 -8.88 -5.96 -2.71
N LEU A 107 -7.99 -5.35 -1.92
CA LEU A 107 -8.33 -4.17 -1.14
C LEU A 107 -8.32 -2.92 -2.02
N LEU A 108 -7.28 -2.74 -2.84
CA LEU A 108 -7.14 -1.49 -3.60
C LEU A 108 -8.34 -1.31 -4.55
N LYS A 109 -8.86 -2.44 -5.08
CA LYS A 109 -9.97 -2.39 -6.03
C LYS A 109 -11.26 -1.90 -5.35
N ARG A 110 -11.31 -2.01 -4.01
CA ARG A 110 -12.54 -1.71 -3.27
C ARG A 110 -12.55 -0.27 -2.74
N ILE A 111 -11.50 0.51 -3.01
CA ILE A 111 -11.41 1.91 -2.54
C ILE A 111 -12.59 2.69 -3.12
S SO4 B . -10.82 -9.70 -6.63
O1 SO4 B . -11.81 -10.81 -6.47
O2 SO4 B . -9.74 -9.80 -5.61
O3 SO4 B . -11.52 -8.41 -6.51
O4 SO4 B . -10.26 -9.80 -8.00
S SO4 C . 7.18 10.95 -8.42
O1 SO4 C . 6.47 12.06 -7.72
O2 SO4 C . 8.55 10.80 -7.89
O3 SO4 C . 6.47 9.68 -8.21
O4 SO4 C . 7.19 11.26 -9.84
C2 9TF D . -7.95 1.53 11.10
C3 9TF D . -7.54 0.24 11.44
C4 9TF D . -6.16 -0.09 11.54
C5 9TF D . -5.17 0.88 11.28
C6 9TF D . -5.61 2.20 10.95
C7 9TF D . -3.69 0.51 11.39
C10 9TF D . -1.52 -2.67 12.21
C11 9TF D . -2.53 -3.58 12.46
C12 9TF D . -3.91 -3.21 12.33
C14 9TF D . -5.77 -1.50 11.90
O3 9TF D . -4.83 -4.18 12.60
C13 9TF D . -4.28 -1.88 12.01
O2 9TF D . -6.62 -2.30 12.12
C1 9TF D . -6.99 2.50 10.84
O1 9TF D . -2.85 1.36 11.19
C8 9TF D . -3.29 -0.92 11.76
C9 9TF D . -1.90 -1.33 11.88
O5 9TF D . -0.89 -0.49 11.65
O4 9TF D . -2.24 -4.86 12.79
#